data_3Q4A
#
_entry.id   3Q4A
#
_cell.length_a   46.132
_cell.length_b   77.444
_cell.length_c   36.456
_cell.angle_alpha   90.00
_cell.angle_beta   90.00
_cell.angle_gamma   90.00
#
_symmetry.space_group_name_H-M   'P 21 21 2'
#
loop_
_entity.id
_entity.type
_entity.pdbx_description
1 polymer 'STIP1 homology and U box-containing protein 1'
2 polymer 'Smad1 peptide'
3 water water
#
loop_
_entity_poly.entity_id
_entity_poly.type
_entity_poly.pdbx_seq_one_letter_code
_entity_poly.pdbx_strand_id
1 'polypeptide(L)'
;GPHMKSPSAQELKEQGNRLFVGRKYPEAAACYGRAITRNPLVAVYYTNRALCYLKMQQPEQALADCRRALELDGQSVKAH
FFLGQCQLEMESYDEAIANLQRAYSLAKEQRLNFGDDIPSALRIAKKKRWNSIEERR
;
B
2 'polypeptide(L)' SPHNPIS(SEP)V(SEP) C
#
# COMPACT_ATOMS: atom_id res chain seq x y z
N SER A 6 21.00 -2.14 -19.78
CA SER A 6 20.92 -2.97 -18.56
C SER A 6 20.87 -2.11 -17.28
N PRO A 7 19.67 -1.73 -16.86
CA PRO A 7 19.53 -0.85 -15.71
C PRO A 7 19.69 -1.57 -14.37
N SER A 8 20.11 -0.85 -13.36
CA SER A 8 20.17 -1.35 -12.01
C SER A 8 18.78 -1.41 -11.38
N ALA A 9 18.69 -2.10 -10.24
CA ALA A 9 17.45 -2.16 -9.49
C ALA A 9 16.97 -0.75 -9.12
N GLN A 10 17.91 0.09 -8.66
CA GLN A 10 17.57 1.47 -8.29
C GLN A 10 17.05 2.27 -9.49
N GLU A 11 17.69 2.09 -10.64
CA GLU A 11 17.24 2.76 -11.87
C GLU A 11 15.85 2.30 -12.26
N LEU A 12 15.57 1.01 -12.06
CA LEU A 12 14.25 0.48 -12.37
C LEU A 12 13.19 1.03 -11.42
N LYS A 13 13.54 1.16 -10.15
CA LYS A 13 12.61 1.76 -9.21
C LYS A 13 12.34 3.22 -9.58
N GLU A 14 13.39 3.93 -9.95
CA GLU A 14 13.24 5.34 -10.33
C GLU A 14 12.40 5.49 -11.59
N GLN A 15 12.58 4.58 -12.55
CA GLN A 15 11.73 4.59 -13.73
C GLN A 15 10.28 4.29 -13.38
N GLY A 16 10.07 3.32 -12.50
CA GLY A 16 8.73 2.99 -12.05
C GLY A 16 8.07 4.22 -11.43
N ASN A 17 8.83 4.90 -10.58
CA ASN A 17 8.33 6.12 -9.93
C ASN A 17 7.93 7.20 -10.95
N ARG A 18 8.73 7.36 -11.99
CA ARG A 18 8.40 8.32 -13.04
C ARG A 18 7.09 7.94 -13.74
N LEU A 19 6.96 6.66 -14.08
CA LEU A 19 5.74 6.15 -14.71
C LEU A 19 4.53 6.32 -13.80
N PHE A 20 4.74 6.17 -12.49
CA PHE A 20 3.68 6.39 -11.52
C PHE A 20 3.21 7.85 -11.54
N VAL A 21 4.18 8.77 -11.55
CA VAL A 21 3.87 10.19 -11.69
C VAL A 21 3.08 10.45 -12.97
N GLY A 22 3.46 9.75 -14.03
CA GLY A 22 2.76 9.84 -15.31
C GLY A 22 1.42 9.13 -15.37
N ARG A 23 1.02 8.54 -14.25
CA ARG A 23 -0.25 7.81 -14.14
C ARG A 23 -0.30 6.62 -15.10
N LYS A 24 0.87 6.03 -15.36
CA LYS A 24 0.98 4.84 -16.19
C LYS A 24 1.20 3.66 -15.25
N TYR A 25 0.13 3.20 -14.63
CA TYR A 25 0.25 2.28 -13.49
C TYR A 25 0.67 0.85 -13.85
N PRO A 26 0.08 0.24 -14.90
CA PRO A 26 0.56 -1.09 -15.28
C PRO A 26 2.03 -1.09 -15.69
N GLU A 27 2.46 -0.02 -16.35
CA GLU A 27 3.84 0.15 -16.76
C GLU A 27 4.76 0.33 -15.54
N ALA A 28 4.32 1.15 -14.59
CA ALA A 28 5.05 1.34 -13.35
C ALA A 28 5.19 0.03 -12.58
N ALA A 29 4.08 -0.71 -12.46
CA ALA A 29 4.09 -1.98 -11.76
C ALA A 29 5.08 -2.97 -12.40
N ALA A 30 5.11 -3.01 -13.72
CA ALA A 30 6.05 -3.87 -14.44
C ALA A 30 7.48 -3.48 -14.13
N CYS A 31 7.77 -2.18 -14.05
CA CYS A 31 9.11 -1.72 -13.67
C CYS A 31 9.50 -2.17 -12.26
N TYR A 32 8.58 -2.04 -11.32
CA TYR A 32 8.88 -2.51 -9.97
C TYR A 32 9.14 -4.01 -9.97
N GLY A 33 8.43 -4.74 -10.82
CA GLY A 33 8.65 -6.18 -10.97
C GLY A 33 10.07 -6.46 -11.44
N ARG A 34 10.57 -5.66 -12.37
CA ARG A 34 11.94 -5.80 -12.86
C ARG A 34 12.96 -5.49 -11.76
N ALA A 35 12.66 -4.48 -10.93
CA ALA A 35 13.49 -4.17 -9.78
C ALA A 35 13.53 -5.34 -8.79
N ILE A 36 12.37 -5.93 -8.54
CA ILE A 36 12.26 -7.09 -7.67
C ILE A 36 13.11 -8.26 -8.20
N THR A 37 13.11 -8.45 -9.51
CA THR A 37 13.94 -9.48 -10.12
C THR A 37 15.41 -9.28 -9.78
N ARG A 38 15.86 -8.04 -9.85
CA ARG A 38 17.24 -7.72 -9.56
C ARG A 38 17.60 -7.82 -8.08
N ASN A 39 16.65 -7.45 -7.22
CA ASN A 39 16.83 -7.53 -5.78
C ASN A 39 15.47 -7.71 -5.11
N PRO A 40 15.11 -8.95 -4.79
CA PRO A 40 13.80 -9.22 -4.24
C PRO A 40 13.67 -8.99 -2.74
N LEU A 41 14.69 -8.39 -2.14
CA LEU A 41 14.72 -8.22 -0.68
C LEU A 41 14.49 -6.79 -0.24
N VAL A 42 13.93 -5.98 -1.13
CA VAL A 42 13.73 -4.56 -0.85
C VAL A 42 12.24 -4.26 -0.71
N ALA A 43 11.81 -3.98 0.53
CA ALA A 43 10.40 -3.83 0.84
C ALA A 43 9.72 -2.76 -0.03
N VAL A 44 10.41 -1.66 -0.28
CA VAL A 44 9.81 -0.53 -1.00
C VAL A 44 9.36 -0.91 -2.41
N TYR A 45 10.06 -1.84 -3.06
CA TYR A 45 9.61 -2.23 -4.40
C TYR A 45 8.21 -2.83 -4.32
N TYR A 46 7.95 -3.61 -3.28
CA TYR A 46 6.64 -4.24 -3.10
C TYR A 46 5.56 -3.27 -2.68
N THR A 47 5.88 -2.34 -1.77
CA THR A 47 4.87 -1.35 -1.36
C THR A 47 4.55 -0.39 -2.52
N ASN A 48 5.55 -0.02 -3.29
CA ASN A 48 5.28 0.78 -4.48
C ASN A 48 4.38 0.03 -5.46
N ARG A 49 4.68 -1.24 -5.69
CA ARG A 49 3.87 -1.99 -6.65
C ARG A 49 2.46 -2.21 -6.11
N ALA A 50 2.34 -2.42 -4.80
CA ALA A 50 1.02 -2.55 -4.19
C ALA A 50 0.16 -1.34 -4.47
N LEU A 51 0.75 -0.15 -4.37
CA LEU A 51 0.01 1.08 -4.64
C LEU A 51 -0.45 1.11 -6.11
N CYS A 52 0.41 0.68 -7.03
CA CYS A 52 0.03 0.58 -8.43
C CYS A 52 -1.17 -0.34 -8.62
N TYR A 53 -1.12 -1.51 -7.97
CA TYR A 53 -2.20 -2.48 -8.10
C TYR A 53 -3.51 -1.92 -7.54
N LEU A 54 -3.42 -1.16 -6.46
CA LEU A 54 -4.61 -0.47 -5.94
C LEU A 54 -5.20 0.50 -6.96
N LYS A 55 -4.35 1.28 -7.62
CA LYS A 55 -4.81 2.21 -8.66
C LYS A 55 -5.43 1.44 -9.84
N MET A 56 -4.94 0.22 -10.06
CA MET A 56 -5.43 -0.62 -11.17
C MET A 56 -6.64 -1.46 -10.75
N GLN A 57 -7.14 -1.18 -9.53
CA GLN A 57 -8.27 -1.89 -8.96
C GLN A 57 -8.05 -3.40 -8.88
N GLN A 58 -6.84 -3.77 -8.47
CA GLN A 58 -6.45 -5.15 -8.25
C GLN A 58 -5.99 -5.35 -6.80
N PRO A 59 -6.93 -5.25 -5.85
CA PRO A 59 -6.54 -5.35 -4.43
C PRO A 59 -5.94 -6.72 -4.04
N GLU A 60 -6.31 -7.79 -4.74
CA GLU A 60 -5.75 -9.11 -4.47
C GLU A 60 -4.24 -9.11 -4.69
N GLN A 61 -3.82 -8.59 -5.84
CA GLN A 61 -2.40 -8.49 -6.20
C GLN A 61 -1.68 -7.52 -5.27
N ALA A 62 -2.34 -6.43 -4.91
CA ALA A 62 -1.78 -5.47 -3.97
C ALA A 62 -1.56 -6.13 -2.62
N LEU A 63 -2.53 -6.93 -2.18
CA LEU A 63 -2.47 -7.58 -0.87
C LEU A 63 -1.26 -8.51 -0.79
N ALA A 64 -1.03 -9.30 -1.84
CA ALA A 64 0.11 -10.21 -1.87
C ALA A 64 1.43 -9.45 -1.78
N ASP A 65 1.53 -8.30 -2.45
CA ASP A 65 2.72 -7.46 -2.34
C ASP A 65 2.91 -6.89 -0.94
N CYS A 66 1.81 -6.52 -0.29
CA CYS A 66 1.89 -6.04 1.09
C CYS A 66 2.40 -7.16 2.00
N ARG A 67 1.94 -8.39 1.76
CA ARG A 67 2.42 -9.54 2.53
C ARG A 67 3.93 -9.74 2.33
N ARG A 68 4.38 -9.61 1.08
CA ARG A 68 5.82 -9.74 0.80
C ARG A 68 6.65 -8.66 1.49
N ALA A 69 6.17 -7.42 1.45
CA ALA A 69 6.81 -6.32 2.14
C ALA A 69 6.89 -6.55 3.66
N LEU A 70 5.77 -6.98 4.25
CA LEU A 70 5.71 -7.22 5.70
C LEU A 70 6.66 -8.35 6.15
N GLU A 71 6.90 -9.33 5.28
CA GLU A 71 7.86 -10.40 5.59
C GLU A 71 9.27 -9.85 5.69
N LEU A 72 9.55 -8.84 4.87
CA LEU A 72 10.85 -8.17 4.85
C LEU A 72 11.01 -7.10 5.92
N ASP A 73 9.93 -6.37 6.19
CA ASP A 73 9.96 -5.31 7.20
C ASP A 73 8.64 -5.27 7.94
N GLY A 74 8.60 -5.90 9.11
CA GLY A 74 7.38 -5.99 9.91
C GLY A 74 6.90 -4.67 10.48
N GLN A 75 7.76 -3.65 10.40
CA GLN A 75 7.43 -2.33 10.96
C GLN A 75 6.98 -1.36 9.89
N SER A 76 6.81 -1.83 8.67
CA SER A 76 6.47 -0.95 7.54
C SER A 76 5.11 -0.27 7.69
N VAL A 77 5.13 1.05 7.85
CA VAL A 77 3.88 1.82 7.94
C VAL A 77 3.09 1.68 6.65
N LYS A 78 3.76 1.89 5.52
CA LYS A 78 3.07 1.85 4.23
C LYS A 78 2.50 0.47 3.88
N ALA A 79 3.21 -0.60 4.23
CA ALA A 79 2.68 -1.94 3.97
C ALA A 79 1.41 -2.19 4.78
N HIS A 80 1.37 -1.77 6.05
CA HIS A 80 0.16 -1.90 6.84
C HIS A 80 -0.98 -1.04 6.30
N PHE A 81 -0.65 0.19 5.89
CA PHE A 81 -1.64 1.11 5.36
C PHE A 81 -2.26 0.58 4.06
N PHE A 82 -1.41 0.19 3.12
CA PHE A 82 -1.91 -0.33 1.85
C PHE A 82 -2.63 -1.65 2.07
N LEU A 83 -2.19 -2.46 3.03
CA LEU A 83 -2.88 -3.72 3.33
C LEU A 83 -4.32 -3.41 3.78
N GLY A 84 -4.44 -2.43 4.68
CA GLY A 84 -5.74 -1.97 5.13
C GLY A 84 -6.64 -1.51 4.00
N GLN A 85 -6.04 -0.78 3.06
CA GLN A 85 -6.79 -0.31 1.88
C GLN A 85 -7.27 -1.48 1.04
N CYS A 86 -6.43 -2.49 0.89
CA CYS A 86 -6.82 -3.69 0.15
C CYS A 86 -8.00 -4.38 0.79
N GLN A 87 -7.91 -4.57 2.11
CA GLN A 87 -8.94 -5.25 2.86
C GLN A 87 -10.26 -4.45 2.83
N LEU A 88 -10.15 -3.15 2.84
CA LEU A 88 -11.31 -2.32 2.70
C LEU A 88 -12.02 -2.59 1.39
N GLU A 89 -11.27 -2.59 0.32
CA GLU A 89 -11.85 -2.84 -1.01
C GLU A 89 -12.46 -4.24 -1.11
N MET A 90 -11.89 -5.18 -0.35
CA MET A 90 -12.35 -6.56 -0.35
C MET A 90 -13.41 -6.81 0.72
N GLU A 91 -13.83 -5.71 1.38
CA GLU A 91 -14.92 -5.73 2.37
C GLU A 91 -14.60 -6.55 3.62
N SER A 92 -13.32 -6.64 3.95
CA SER A 92 -12.87 -7.20 5.21
C SER A 92 -12.64 -6.03 6.15
N TYR A 93 -13.74 -5.48 6.68
CA TYR A 93 -13.69 -4.20 7.39
C TYR A 93 -12.93 -4.23 8.71
N ASP A 94 -13.18 -5.26 9.52
CA ASP A 94 -12.51 -5.39 10.81
C ASP A 94 -10.98 -5.46 10.67
N GLU A 95 -10.51 -6.27 9.72
CA GLU A 95 -9.08 -6.38 9.45
C GLU A 95 -8.53 -5.08 8.90
N ALA A 96 -9.28 -4.45 8.00
CA ALA A 96 -8.87 -3.17 7.41
C ALA A 96 -8.62 -2.13 8.50
N ILE A 97 -9.58 -1.99 9.42
CA ILE A 97 -9.48 -1.03 10.49
C ILE A 97 -8.28 -1.35 11.38
N ALA A 98 -8.07 -2.63 11.68
CA ALA A 98 -6.93 -3.03 12.50
C ALA A 98 -5.61 -2.65 11.83
N ASN A 99 -5.53 -2.85 10.52
CA ASN A 99 -4.29 -2.51 9.82
C ASN A 99 -4.05 -1.01 9.72
N LEU A 100 -5.12 -0.23 9.52
CA LEU A 100 -4.98 1.22 9.47
C LEU A 100 -4.60 1.77 10.85
N GLN A 101 -5.19 1.21 11.90
CA GLN A 101 -4.84 1.57 13.28
C GLN A 101 -3.38 1.23 13.56
N ARG A 102 -2.94 0.07 13.06
CA ARG A 102 -1.56 -0.35 13.24
C ARG A 102 -0.62 0.60 12.48
N ALA A 103 -1.01 0.99 11.28
CA ALA A 103 -0.24 1.96 10.51
C ALA A 103 -0.09 3.26 11.28
N TYR A 104 -1.21 3.72 11.86
CA TYR A 104 -1.21 4.93 12.69
C TYR A 104 -0.24 4.79 13.86
N SER A 105 -0.30 3.67 14.57
CA SER A 105 0.55 3.42 15.73
C SER A 105 2.03 3.37 15.34
N LEU A 106 2.32 2.69 14.23
CA LEU A 106 3.70 2.56 13.76
C LEU A 106 4.27 3.91 13.31
N ALA A 107 3.44 4.70 12.65
CA ALA A 107 3.84 6.04 12.22
C ALA A 107 4.20 6.91 13.42
N LYS A 108 3.44 6.74 14.51
CA LYS A 108 3.69 7.44 15.76
C LYS A 108 4.99 6.98 16.42
N GLU A 109 5.16 5.65 16.52
CA GLU A 109 6.36 5.06 17.11
C GLU A 109 7.62 5.48 16.37
N GLN A 110 7.51 5.57 15.04
CA GLN A 110 8.63 5.91 14.17
C GLN A 110 8.77 7.42 13.99
N ARG A 111 7.88 8.17 14.65
CA ARG A 111 7.86 9.63 14.57
C ARG A 111 7.79 10.11 13.11
N LEU A 112 6.91 9.47 12.34
CA LEU A 112 6.65 9.85 10.96
C LEU A 112 5.40 10.69 10.89
N ASN A 113 5.40 11.66 9.98
CA ASN A 113 4.30 12.60 9.83
C ASN A 113 3.66 12.51 8.46
N PHE A 114 2.46 11.92 8.41
CA PHE A 114 1.70 11.80 7.16
C PHE A 114 0.45 12.70 7.19
N GLY A 115 0.52 13.76 7.99
CA GLY A 115 -0.63 14.66 8.15
C GLY A 115 -1.83 13.90 8.65
N ASP A 116 -2.98 14.13 8.04
CA ASP A 116 -4.22 13.49 8.46
C ASP A 116 -4.59 12.29 7.58
N ASP A 117 -3.65 11.83 6.76
CA ASP A 117 -3.92 10.74 5.83
C ASP A 117 -4.41 9.46 6.50
N ILE A 118 -3.74 9.06 7.58
CA ILE A 118 -4.12 7.82 8.24
C ILE A 118 -5.46 7.92 8.98
N PRO A 119 -5.62 8.96 9.83
CA PRO A 119 -6.95 9.16 10.43
C PRO A 119 -8.09 9.29 9.41
N SER A 120 -7.84 9.95 8.28
CA SER A 120 -8.86 10.08 7.24
C SER A 120 -9.24 8.72 6.66
N ALA A 121 -8.25 7.87 6.43
CA ALA A 121 -8.51 6.53 5.93
C ALA A 121 -9.27 5.70 6.97
N LEU A 122 -8.89 5.86 8.24
CA LEU A 122 -9.58 5.21 9.36
C LEU A 122 -11.07 5.57 9.40
N ARG A 123 -11.35 6.85 9.27
CA ARG A 123 -12.74 7.33 9.25
C ARG A 123 -13.51 6.71 8.08
N ILE A 124 -12.89 6.70 6.89
CA ILE A 124 -13.51 6.09 5.72
C ILE A 124 -13.80 4.61 5.98
N ALA A 125 -12.86 3.90 6.59
CA ALA A 125 -13.02 2.48 6.89
C ALA A 125 -14.14 2.22 7.89
N LYS A 126 -14.19 3.00 8.97
CA LYS A 126 -15.24 2.85 9.96
C LYS A 126 -16.63 3.21 9.39
N LYS A 127 -16.67 4.24 8.56
CA LYS A 127 -17.92 4.63 7.89
C LYS A 127 -18.40 3.54 6.96
N LYS A 128 -17.47 2.97 6.18
CA LYS A 128 -17.80 1.86 5.29
C LYS A 128 -18.31 0.65 6.07
N ARG A 129 -17.71 0.29 7.12
CA ARG A 129 -18.11 -0.77 8.01
C ARG A 129 -19.54 -0.55 8.50
N TRP A 130 -19.80 0.66 9.02
CA TRP A 130 -21.11 0.99 9.54
C TRP A 130 -22.16 0.93 8.44
N ASN A 131 -21.84 1.51 7.30
CA ASN A 131 -22.73 1.50 6.14
C ASN A 131 -23.08 0.10 5.66
N SER A 132 -22.11 -0.82 5.76
CA SER A 132 -22.33 -2.22 5.38
C SER A 132 -23.35 -2.89 6.32
N ILE A 133 -23.30 -2.50 7.60
CA ILE A 133 -24.26 -2.96 8.59
C ILE A 133 -25.67 -2.42 8.28
N GLU A 134 -25.75 -1.13 7.96
CA GLU A 134 -27.03 -0.52 7.61
C GLU A 134 -27.63 -1.09 6.32
N GLU A 135 -26.76 -1.55 5.41
CA GLU A 135 -27.17 -2.15 4.14
C GLU A 135 -27.78 -3.53 4.33
N ARG A 136 -27.72 -4.04 5.55
CA ARG A 136 -28.14 -5.41 5.84
C ARG A 136 -29.31 -5.49 6.82
N ARG A 137 -29.93 -4.35 7.09
CA ARG A 137 -31.09 -4.29 7.97
C ARG A 137 -32.07 -3.21 7.53
N PRO B 5 1.91 13.09 0.51
CA PRO B 5 0.98 12.19 1.21
C PRO B 5 1.54 10.79 1.53
N ILE B 6 0.71 9.92 2.12
CA ILE B 6 1.13 8.55 2.34
C ILE B 6 0.96 7.71 1.08
N SER B 7 -0.02 8.02 0.27
CA SER B 7 -0.24 7.30 -0.96
C SER B 7 0.67 7.84 -2.04
N SEP B 8 1.95 7.57 -1.91
CA SEP B 8 2.93 8.08 -2.81
CB SEP B 8 3.43 9.44 -2.30
OG SEP B 8 4.60 9.86 -2.96
C SEP B 8 4.06 7.04 -2.86
O SEP B 8 4.27 6.33 -1.91
P SEP B 8 4.48 11.28 -3.71
O1P SEP B 8 3.15 11.44 -4.56
O2P SEP B 8 4.44 12.43 -2.60
O3P SEP B 8 5.79 11.53 -4.58
N VAL B 9 4.74 6.96 -3.99
CA VAL B 9 5.84 6.02 -4.13
C VAL B 9 7.16 6.53 -3.59
N SEP B 10 8.03 5.60 -3.20
CA SEP B 10 9.33 5.85 -2.60
CB SEP B 10 9.44 5.15 -1.24
OG SEP B 10 8.54 5.68 -0.37
C SEP B 10 10.51 5.35 -3.39
O SEP B 10 11.63 5.50 -2.90
OXT SEP B 10 10.35 4.74 -4.42
P SEP B 10 8.62 4.91 1.03
O1P SEP B 10 7.86 5.94 1.98
O2P SEP B 10 7.93 3.49 0.98
O3P SEP B 10 10.11 4.77 1.55
#